data_4RVX
#
_entry.id   4RVX
#
_cell.length_a   53.789
_cell.length_b   89.008
_cell.length_c   56.513
_cell.angle_alpha   90.00
_cell.angle_beta   112.98
_cell.angle_gamma   90.00
#
_symmetry.space_group_name_H-M   'P 1 21 1'
#
loop_
_entity.id
_entity.type
_entity.pdbx_description
1 polymer 'HIV-1 Protease'
2 non-polymer (4S)-4-amino-N-[(2S,3S)-3-hydroxy-4-{[(4-methoxyphenyl)sulfonyl](2-methylpropyl)amino}-1-phenylbutan-2-yl]-3,4-dihydro-2H-chromene-6-carboxamide
3 water water
#
_entity_poly.entity_id   1
_entity_poly.type   'polypeptide(L)'
_entity_poly.pdbx_seq_one_letter_code
;PQITLWQRPIVTIKVGGQLKEALLDTGADDTVLEDMELPGRWKPRMIGGIGGFVKVRQYDQIPIEICGHKVIGTVLVGPT
PTNIIGRNLMTQLGCTLNF
;
_entity_poly.pdbx_strand_id   A,B,C,D
#
# COMPACT_ATOMS: atom_id res chain seq x y z
N PRO A 1 -0.74 7.02 18.48
CA PRO A 1 0.12 7.57 17.43
C PRO A 1 -0.52 8.68 16.62
N GLN A 2 0.30 9.36 15.84
CA GLN A 2 -0.18 10.30 14.85
C GLN A 2 0.25 9.79 13.50
N ILE A 3 -0.71 9.66 12.59
CA ILE A 3 -0.42 9.07 11.29
C ILE A 3 -0.70 10.09 10.21
N THR A 4 0.35 10.52 9.51
CA THR A 4 0.19 11.40 8.36
C THR A 4 -0.29 10.58 7.16
N LEU A 5 -0.62 11.27 6.07
CA LEU A 5 -1.27 10.67 4.92
C LEU A 5 -0.46 10.76 3.63
N TRP A 6 0.84 11.00 3.75
CA TRP A 6 1.72 11.01 2.59
C TRP A 6 1.85 9.60 2.00
N GLN A 7 1.65 8.58 2.82
CA GLN A 7 1.44 7.23 2.29
C GLN A 7 0.15 6.61 2.82
N ARG A 8 -0.16 5.42 2.34
CA ARG A 8 -1.34 4.69 2.82
C ARG A 8 -1.21 4.44 4.33
N PRO A 9 -2.28 4.76 5.09
CA PRO A 9 -2.34 4.53 6.53
C PRO A 9 -2.60 3.06 6.84
N ILE A 10 -1.57 2.26 6.67
CA ILE A 10 -1.62 0.82 6.87
C ILE A 10 -1.14 0.38 8.27
N VAL A 11 -1.92 -0.47 8.93
CA VAL A 11 -1.58 -0.95 10.27
C VAL A 11 -1.55 -2.45 10.32
N THR A 12 -1.00 -2.99 11.41
CA THR A 12 -1.03 -4.44 11.62
C THR A 12 -2.25 -4.81 12.45
N ILE A 13 -3.02 -5.78 11.97
CA ILE A 13 -4.16 -6.28 12.73
C ILE A 13 -4.00 -7.78 12.97
N LYS A 14 -4.70 -8.29 13.97
CA LYS A 14 -4.76 -9.71 14.19
C LYS A 14 -6.23 -10.13 14.28
N VAL A 15 -6.66 -11.01 13.39
CA VAL A 15 -8.04 -11.48 13.35
C VAL A 15 -8.07 -12.98 13.02
N GLY A 16 -8.89 -13.73 13.74
CA GLY A 16 -9.00 -15.16 13.54
C GLY A 16 -7.68 -15.87 13.73
N GLY A 17 -6.85 -15.35 14.62
CA GLY A 17 -5.54 -15.95 14.87
C GLY A 17 -4.41 -15.50 13.96
N GLN A 18 -4.74 -14.81 12.87
CA GLN A 18 -3.73 -14.46 11.87
C GLN A 18 -3.39 -12.99 11.89
N LEU A 19 -2.10 -12.68 11.87
CA LEU A 19 -1.64 -11.32 11.65
C LEU A 19 -1.80 -10.93 10.17
N LYS A 20 -2.34 -9.73 9.93
CA LYS A 20 -2.50 -9.22 8.57
C LYS A 20 -2.23 -7.72 8.52
N GLU A 21 -2.02 -7.18 7.32
CA GLU A 21 -1.99 -5.74 7.13
C GLU A 21 -3.34 -5.25 6.66
N ALA A 22 -3.71 -4.04 7.08
CA ALA A 22 -4.99 -3.45 6.69
C ALA A 22 -4.90 -1.93 6.63
N LEU A 23 -5.84 -1.36 5.90
CA LEU A 23 -5.88 0.06 5.64
C LEU A 23 -6.88 0.76 6.54
N LEU A 24 -6.45 1.82 7.25
CA LEU A 24 -7.37 2.63 8.07
C LEU A 24 -8.17 3.57 7.17
N ASP A 25 -9.47 3.36 7.10
CA ASP A 25 -10.25 3.93 6.03
C ASP A 25 -11.48 4.67 6.51
N THR A 26 -11.38 5.99 6.57
CA THR A 26 -12.47 6.78 7.12
C THR A 26 -13.67 6.87 6.18
N GLY A 27 -13.47 6.43 4.93
CA GLY A 27 -14.55 6.38 3.97
C GLY A 27 -15.35 5.08 4.01
N ALA A 28 -14.92 4.13 4.83
CA ALA A 28 -15.60 2.86 4.91
C ALA A 28 -16.52 2.79 6.13
N ASP A 29 -17.83 2.64 5.91
CA ASP A 29 -18.78 2.53 7.04
C ASP A 29 -18.39 1.35 7.91
N ASP A 30 -18.04 0.25 7.25
CA ASP A 30 -17.78 -1.02 7.90
C ASP A 30 -16.42 -1.58 7.55
N THR A 31 -15.97 -2.51 8.38
CA THR A 31 -14.73 -3.23 8.14
C THR A 31 -14.92 -4.37 7.12
N VAL A 32 -14.07 -4.40 6.10
CA VAL A 32 -14.11 -5.43 5.05
C VAL A 32 -12.77 -6.16 4.94
N LEU A 33 -12.76 -7.48 5.13
CA LEU A 33 -11.52 -8.25 5.04
C LEU A 33 -11.53 -9.17 3.82
N GLU A 34 -10.36 -9.40 3.24
CA GLU A 34 -10.23 -10.34 2.12
C GLU A 34 -10.68 -11.73 2.58
N ASP A 35 -11.18 -12.53 1.65
CA ASP A 35 -11.60 -13.91 1.93
C ASP A 35 -10.64 -14.60 2.90
N MET A 36 -11.17 -15.08 4.01
CA MET A 36 -10.39 -15.84 4.98
C MET A 36 -11.36 -16.79 5.63
N GLU A 37 -10.88 -17.66 6.51
CA GLU A 37 -11.77 -18.54 7.25
C GLU A 37 -12.08 -17.96 8.62
N LEU A 38 -13.37 -17.74 8.88
CA LEU A 38 -13.83 -17.27 10.18
C LEU A 38 -14.92 -18.20 10.69
N PRO A 39 -14.89 -18.49 12.00
CA PRO A 39 -15.86 -19.39 12.63
C PRO A 39 -17.19 -18.70 12.89
N GLY A 40 -18.28 -19.47 12.95
CA GLY A 40 -19.55 -18.92 13.34
C GLY A 40 -20.47 -18.57 12.19
N ARG A 41 -21.74 -18.37 12.52
CA ARG A 41 -22.73 -17.98 11.54
C ARG A 41 -22.39 -16.65 10.92
N TRP A 42 -22.74 -16.47 9.66
CA TRP A 42 -22.63 -15.17 9.02
C TRP A 42 -23.91 -14.91 8.25
N LYS A 43 -24.07 -13.71 7.73
CA LYS A 43 -25.24 -13.45 6.91
C LYS A 43 -24.81 -12.72 5.66
N PRO A 44 -25.36 -13.12 4.50
CA PRO A 44 -25.04 -12.45 3.24
C PRO A 44 -25.42 -11.00 3.28
N ARG A 45 -24.65 -10.18 2.57
CA ARG A 45 -24.90 -8.76 2.52
C ARG A 45 -24.28 -8.18 1.24
N MET A 46 -24.83 -7.07 0.78
CA MET A 46 -24.34 -6.39 -0.41
C MET A 46 -23.81 -5.00 -0.06
N ILE A 47 -22.57 -4.72 -0.46
CA ILE A 47 -22.02 -3.38 -0.28
C ILE A 47 -21.61 -2.84 -1.63
N GLY A 48 -21.54 -1.52 -1.73
CA GLY A 48 -21.32 -0.87 -3.00
C GLY A 48 -20.16 0.08 -2.89
N GLY A 49 -19.31 0.07 -3.91
CA GLY A 49 -18.15 0.94 -3.92
C GLY A 49 -17.87 1.35 -5.33
N ILE A 50 -16.63 1.72 -5.59
CA ILE A 50 -16.28 2.24 -6.90
C ILE A 50 -16.45 1.17 -7.99
N GLY A 51 -16.06 -0.06 -7.75
CA GLY A 51 -16.26 -1.04 -8.82
C GLY A 51 -17.68 -1.59 -8.98
N GLY A 52 -18.66 -0.96 -8.32
CA GLY A 52 -19.99 -1.52 -8.29
C GLY A 52 -20.27 -2.28 -7.00
N PHE A 53 -21.19 -3.25 -7.07
CA PHE A 53 -21.63 -3.97 -5.87
C PHE A 53 -20.92 -5.29 -5.72
N VAL A 54 -20.56 -5.62 -4.49
CA VAL A 54 -19.98 -6.92 -4.22
C VAL A 54 -20.73 -7.58 -3.06
N LYS A 55 -20.78 -8.92 -3.09
CA LYS A 55 -21.48 -9.66 -2.05
C LYS A 55 -20.46 -10.06 -0.97
N VAL A 56 -20.79 -9.77 0.28
CA VAL A 56 -19.89 -10.06 1.38
C VAL A 56 -20.62 -10.91 2.40
N ARG A 57 -19.87 -11.50 3.32
CA ARG A 57 -20.44 -12.25 4.41
C ARG A 57 -20.30 -11.46 5.70
N GLN A 58 -21.41 -11.20 6.37
CA GLN A 58 -21.39 -10.38 7.57
C GLN A 58 -21.28 -11.22 8.83
N TYR A 59 -20.19 -11.03 9.55
CA TYR A 59 -19.92 -11.69 10.82
C TYR A 59 -20.15 -10.68 11.94
N ASP A 60 -20.83 -11.08 12.99
CA ASP A 60 -21.10 -10.14 14.08
C ASP A 60 -20.23 -10.43 15.28
N GLN A 61 -19.93 -9.38 16.05
CA GLN A 61 -19.10 -9.44 17.25
C GLN A 61 -17.85 -10.31 17.08
N ILE A 62 -16.98 -9.86 16.19
CA ILE A 62 -15.69 -10.49 15.90
C ILE A 62 -14.58 -9.68 16.55
N PRO A 63 -13.74 -10.34 17.36
CA PRO A 63 -12.63 -9.65 18.01
C PRO A 63 -11.49 -9.38 17.04
N ILE A 64 -10.98 -8.16 17.03
CA ILE A 64 -9.85 -7.80 16.19
C ILE A 64 -8.87 -6.99 16.99
N GLU A 65 -7.61 -7.38 16.94
CA GLU A 65 -6.55 -6.60 17.53
C GLU A 65 -6.01 -5.65 16.46
N ILE A 66 -6.03 -4.35 16.75
CA ILE A 66 -5.48 -3.36 15.83
C ILE A 66 -4.35 -2.64 16.54
N CYS A 67 -3.12 -2.79 16.05
CA CYS A 67 -1.96 -2.19 16.69
C CYS A 67 -1.91 -2.51 18.18
N GLY A 68 -2.25 -3.73 18.56
CA GLY A 68 -2.20 -4.13 19.96
C GLY A 68 -3.43 -3.83 20.80
N HIS A 69 -4.39 -3.09 20.24
CA HIS A 69 -5.62 -2.82 20.96
C HIS A 69 -6.74 -3.73 20.49
N LYS A 70 -7.35 -4.45 21.43
CA LYS A 70 -8.49 -5.31 21.10
C LYS A 70 -9.72 -4.45 20.97
N VAL A 71 -10.37 -4.58 19.82
CA VAL A 71 -11.66 -3.97 19.59
C VAL A 71 -12.59 -5.09 19.13
N ILE A 72 -13.89 -4.84 19.04
CA ILE A 72 -14.81 -5.86 18.57
C ILE A 72 -15.93 -5.19 17.79
N GLY A 73 -16.45 -5.87 16.79
CA GLY A 73 -17.53 -5.32 16.00
C GLY A 73 -17.88 -6.22 14.83
N THR A 74 -18.77 -5.71 13.98
CA THR A 74 -19.16 -6.43 12.78
C THR A 74 -17.99 -6.49 11.82
N VAL A 75 -17.76 -7.66 11.23
CA VAL A 75 -16.77 -7.81 10.18
C VAL A 75 -17.43 -8.37 8.90
N LEU A 76 -17.20 -7.70 7.78
CA LEU A 76 -17.61 -8.21 6.47
C LEU A 76 -16.43 -8.92 5.82
N VAL A 77 -16.68 -10.08 5.24
CA VAL A 77 -15.64 -10.86 4.58
C VAL A 77 -16.06 -11.13 3.14
N GLY A 78 -15.17 -10.85 2.20
CA GLY A 78 -15.52 -10.99 0.81
C GLY A 78 -14.36 -10.67 -0.10
N PRO A 79 -14.60 -10.68 -1.41
CA PRO A 79 -13.52 -10.49 -2.39
C PRO A 79 -13.02 -9.05 -2.54
N THR A 80 -12.64 -8.39 -1.45
CA THR A 80 -12.01 -7.08 -1.53
C THR A 80 -10.54 -7.29 -1.84
N PRO A 81 -9.93 -6.39 -2.64
CA PRO A 81 -8.52 -6.54 -2.99
C PRO A 81 -7.60 -6.09 -1.87
N THR A 82 -8.17 -5.50 -0.83
CA THR A 82 -7.38 -5.03 0.30
C THR A 82 -8.20 -5.12 1.60
N ASN A 83 -7.55 -5.50 2.69
CA ASN A 83 -8.17 -5.48 4.00
C ASN A 83 -8.46 -4.05 4.41
N ILE A 84 -9.69 -3.77 4.81
CA ILE A 84 -10.11 -2.40 5.15
C ILE A 84 -10.69 -2.30 6.57
N ILE A 85 -10.13 -1.41 7.39
CA ILE A 85 -10.67 -1.15 8.72
C ILE A 85 -11.60 0.05 8.67
N GLY A 86 -12.89 -0.18 8.93
CA GLY A 86 -13.90 0.85 8.73
C GLY A 86 -14.09 1.72 9.96
N ARG A 87 -15.03 2.64 9.89
CA ARG A 87 -15.28 3.52 11.01
C ARG A 87 -15.80 2.74 12.23
N ASN A 88 -16.54 1.65 11.96
CA ASN A 88 -17.19 0.89 13.03
C ASN A 88 -16.17 0.34 14.02
N LEU A 89 -14.93 0.19 13.56
CA LEU A 89 -13.86 -0.25 14.45
C LEU A 89 -12.89 0.88 14.79
N MET A 90 -12.69 1.84 13.88
CA MET A 90 -11.84 3.00 14.21
C MET A 90 -12.38 3.82 15.42
N THR A 91 -13.71 3.95 15.56
CA THR A 91 -14.28 4.62 16.74
C THR A 91 -13.80 4.00 18.04
N GLN A 92 -13.66 2.67 18.02
CA GLN A 92 -13.31 1.88 19.19
C GLN A 92 -11.83 2.04 19.59
N LEU A 93 -11.02 2.51 18.65
CA LEU A 93 -9.64 2.88 18.93
C LEU A 93 -9.54 4.32 19.48
N GLY A 94 -10.64 5.06 19.39
CA GLY A 94 -10.64 6.47 19.72
C GLY A 94 -9.96 7.30 18.64
N CYS A 95 -10.12 6.88 17.39
CA CYS A 95 -9.40 7.50 16.29
C CYS A 95 -10.08 8.77 15.78
N THR A 96 -9.31 9.83 15.55
CA THR A 96 -9.86 11.05 14.96
C THR A 96 -9.09 11.54 13.74
N LEU A 97 -9.81 12.27 12.88
CA LEU A 97 -9.24 13.04 11.79
C LEU A 97 -8.96 14.48 12.22
N ASN A 98 -7.71 14.91 12.11
CA ASN A 98 -7.30 16.21 12.61
C ASN A 98 -6.65 17.10 11.55
N PHE A 99 -7.15 18.32 11.40
CA PHE A 99 -6.42 19.31 10.62
C PHE A 99 -6.72 20.73 11.10
N PRO B 1 -9.77 21.60 13.50
CA PRO B 1 -10.83 20.59 13.57
C PRO B 1 -10.34 19.20 14.01
N GLN B 2 -11.09 18.60 14.92
CA GLN B 2 -10.88 17.20 15.26
C GLN B 2 -12.19 16.48 15.01
N ILE B 3 -12.13 15.48 14.15
CA ILE B 3 -13.35 14.84 13.67
C ILE B 3 -13.43 13.42 14.19
N THR B 4 -14.49 13.10 14.93
CA THR B 4 -14.72 11.72 15.36
C THR B 4 -15.38 10.96 14.22
N LEU B 5 -15.49 9.65 14.35
CA LEU B 5 -15.90 8.84 13.21
C LEU B 5 -17.16 8.06 13.47
N TRP B 6 -17.90 8.45 14.51
CA TRP B 6 -19.20 7.86 14.81
C TRP B 6 -20.19 8.12 13.67
N GLN B 7 -19.93 9.16 12.88
CA GLN B 7 -20.71 9.41 11.67
C GLN B 7 -19.76 9.63 10.49
N ARG B 8 -20.27 9.50 9.27
CA ARG B 8 -19.50 9.77 8.06
C ARG B 8 -18.91 11.19 8.07
N PRO B 9 -17.60 11.32 7.82
CA PRO B 9 -16.94 12.63 7.79
C PRO B 9 -17.18 13.41 6.49
N ILE B 10 -18.37 13.98 6.39
CA ILE B 10 -18.77 14.74 5.20
C ILE B 10 -18.39 16.21 5.32
N VAL B 11 -17.93 16.79 4.21
CA VAL B 11 -17.64 18.21 4.19
C VAL B 11 -18.22 18.81 2.92
N THR B 12 -18.46 20.10 2.92
CA THR B 12 -18.87 20.78 1.71
C THR B 12 -17.62 21.30 1.02
N ILE B 13 -17.51 21.10 -0.28
CA ILE B 13 -16.38 21.62 -1.02
C ILE B 13 -16.87 22.52 -2.14
N LYS B 14 -16.01 23.42 -2.59
CA LYS B 14 -16.32 24.18 -3.79
C LYS B 14 -15.36 23.78 -4.89
N VAL B 15 -15.88 23.34 -6.03
CA VAL B 15 -15.03 22.93 -7.14
C VAL B 15 -15.75 23.09 -8.48
N GLY B 16 -15.03 23.63 -9.47
CA GLY B 16 -15.56 23.82 -10.80
C GLY B 16 -16.71 24.80 -10.78
N GLY B 17 -16.66 25.72 -9.82
CA GLY B 17 -17.70 26.72 -9.67
C GLY B 17 -18.82 26.29 -8.75
N GLN B 18 -18.87 24.99 -8.44
CA GLN B 18 -20.05 24.41 -7.77
C GLN B 18 -19.80 23.96 -6.32
N LEU B 19 -20.85 24.02 -5.52
CA LEU B 19 -20.81 23.56 -4.14
C LEU B 19 -21.24 22.11 -4.07
N LYS B 20 -20.47 21.27 -3.37
CA LYS B 20 -20.75 19.85 -3.36
C LYS B 20 -20.39 19.22 -2.02
N GLU B 21 -21.08 18.12 -1.68
CA GLU B 21 -20.76 17.36 -0.47
C GLU B 21 -19.82 16.22 -0.81
N ALA B 22 -18.81 16.00 0.02
CA ALA B 22 -17.86 14.93 -0.25
C ALA B 22 -17.42 14.26 1.04
N LEU B 23 -16.92 13.04 0.91
CA LEU B 23 -16.50 12.24 2.06
C LEU B 23 -14.97 12.25 2.24
N LEU B 24 -14.49 12.68 3.40
CA LEU B 24 -13.06 12.59 3.75
C LEU B 24 -12.59 11.14 3.84
N ASP B 25 -11.69 10.72 2.97
CA ASP B 25 -11.47 9.30 2.75
C ASP B 25 -10.00 8.85 2.77
N THR B 26 -9.50 8.40 3.93
CA THR B 26 -8.09 8.02 4.02
C THR B 26 -7.78 6.72 3.25
N GLY B 27 -8.82 5.99 2.85
CA GLY B 27 -8.61 4.81 2.04
C GLY B 27 -8.61 5.11 0.55
N ALA B 28 -8.69 6.39 0.20
CA ALA B 28 -8.60 6.79 -1.21
C ALA B 28 -7.29 7.51 -1.49
N ASP B 29 -6.45 6.93 -2.36
CA ASP B 29 -5.20 7.58 -2.72
C ASP B 29 -5.50 8.92 -3.38
N ASP B 30 -6.47 8.87 -4.29
CA ASP B 30 -6.83 9.99 -5.13
C ASP B 30 -8.25 10.48 -4.85
N THR B 31 -8.48 11.75 -5.14
CA THR B 31 -9.78 12.35 -5.04
C THR B 31 -10.65 11.89 -6.21
N VAL B 32 -11.90 11.48 -5.93
CA VAL B 32 -12.78 11.03 -7.01
C VAL B 32 -14.14 11.69 -6.89
N LEU B 33 -14.61 12.33 -7.97
CA LEU B 33 -15.91 12.98 -8.00
C LEU B 33 -16.81 12.37 -9.04
N GLU B 34 -18.12 12.36 -8.78
CA GLU B 34 -19.09 11.97 -9.79
C GLU B 34 -19.09 12.96 -10.97
N ASP B 35 -19.50 12.51 -12.16
CA ASP B 35 -19.56 13.32 -13.40
C ASP B 35 -19.82 14.82 -13.22
N MET B 36 -18.98 15.68 -13.81
CA MET B 36 -19.01 17.09 -13.39
C MET B 36 -18.62 18.22 -14.35
N GLU B 37 -17.70 18.00 -15.28
CA GLU B 37 -17.07 19.08 -16.06
C GLU B 37 -16.14 19.91 -15.17
N LEU B 38 -14.85 19.82 -15.45
CA LEU B 38 -13.85 20.58 -14.73
C LEU B 38 -13.05 21.42 -15.69
N PRO B 39 -12.40 22.49 -15.18
CA PRO B 39 -11.55 23.28 -16.08
C PRO B 39 -10.31 22.50 -16.53
N GLY B 40 -10.01 22.51 -17.82
CA GLY B 40 -8.77 21.88 -18.26
C GLY B 40 -8.99 20.57 -18.99
N ARG B 41 -7.89 19.96 -19.40
CA ARG B 41 -7.96 18.76 -20.21
C ARG B 41 -7.78 17.55 -19.33
N TRP B 42 -8.18 16.39 -19.83
CA TRP B 42 -8.06 15.20 -19.03
C TRP B 42 -7.46 14.03 -19.81
N LYS B 43 -6.93 13.06 -19.08
CA LYS B 43 -6.43 11.82 -19.67
C LYS B 43 -7.17 10.66 -19.03
N PRO B 44 -7.30 9.55 -19.77
CA PRO B 44 -8.02 8.38 -19.26
C PRO B 44 -7.23 7.70 -18.17
N ARG B 45 -7.92 7.01 -17.28
CA ARG B 45 -7.24 6.30 -16.22
C ARG B 45 -8.12 5.19 -15.66
N MET B 46 -7.49 4.07 -15.30
CA MET B 46 -8.20 2.95 -14.68
C MET B 46 -7.90 2.93 -13.18
N ILE B 47 -8.93 2.97 -12.35
CA ILE B 47 -8.70 2.86 -10.92
C ILE B 47 -9.49 1.70 -10.34
N GLY B 48 -8.95 1.09 -9.28
CA GLY B 48 -9.54 -0.10 -8.72
C GLY B 48 -10.19 0.17 -7.38
N GLY B 49 -11.47 -0.14 -7.30
CA GLY B 49 -12.23 0.03 -6.08
C GLY B 49 -12.62 -1.34 -5.56
N ILE B 50 -13.54 -1.39 -4.61
CA ILE B 50 -13.92 -2.65 -4.00
C ILE B 50 -14.58 -3.63 -4.97
N GLY B 51 -15.19 -3.12 -6.04
CA GLY B 51 -15.90 -3.96 -6.97
C GLY B 51 -15.14 -4.27 -8.25
N GLY B 52 -13.90 -3.79 -8.33
CA GLY B 52 -13.13 -3.96 -9.55
C GLY B 52 -12.73 -2.62 -10.13
N PHE B 53 -12.15 -2.67 -11.33
CA PHE B 53 -11.60 -1.47 -11.94
C PHE B 53 -12.60 -0.76 -12.79
N VAL B 54 -12.41 0.56 -12.87
CA VAL B 54 -13.33 1.43 -13.59
C VAL B 54 -12.52 2.52 -14.31
N LYS B 55 -12.98 2.93 -15.48
CA LYS B 55 -12.39 4.05 -16.22
C LYS B 55 -12.84 5.40 -15.67
N VAL B 56 -11.91 6.30 -15.44
CA VAL B 56 -12.23 7.66 -15.00
C VAL B 56 -11.49 8.71 -15.83
N ARG B 57 -11.78 9.98 -15.61
CA ARG B 57 -11.02 11.04 -16.25
C ARG B 57 -10.12 11.74 -15.23
N GLN B 58 -8.84 11.87 -15.56
CA GLN B 58 -7.90 12.55 -14.70
C GLN B 58 -7.65 13.99 -15.12
N TYR B 59 -8.06 14.94 -14.29
CA TYR B 59 -7.77 16.34 -14.50
C TYR B 59 -6.63 16.73 -13.58
N ASP B 60 -5.64 17.45 -14.08
CA ASP B 60 -4.56 17.89 -13.23
C ASP B 60 -4.76 19.35 -12.83
N GLN B 61 -4.17 19.74 -11.70
CA GLN B 61 -4.16 21.13 -11.23
C GLN B 61 -5.56 21.76 -11.12
N ILE B 62 -6.47 21.03 -10.48
CA ILE B 62 -7.80 21.55 -10.22
C ILE B 62 -7.81 22.23 -8.85
N PRO B 63 -8.16 23.52 -8.78
CA PRO B 63 -8.24 24.21 -7.49
C PRO B 63 -9.51 23.79 -6.74
N ILE B 64 -9.43 23.61 -5.43
CA ILE B 64 -10.57 23.17 -4.64
C ILE B 64 -10.60 23.87 -3.28
N GLU B 65 -11.78 24.36 -2.89
CA GLU B 65 -11.96 24.97 -1.59
C GLU B 65 -12.61 23.97 -0.61
N ILE B 66 -11.91 23.69 0.48
CA ILE B 66 -12.32 22.67 1.46
C ILE B 66 -12.19 23.16 2.89
N CYS B 67 -13.31 23.37 3.56
CA CYS B 67 -13.33 23.81 4.96
C CYS B 67 -12.47 25.06 5.18
N GLY B 68 -12.81 26.13 4.48
CA GLY B 68 -12.04 27.36 4.58
C GLY B 68 -10.59 27.27 4.13
N HIS B 69 -10.27 26.24 3.35
CA HIS B 69 -8.92 26.03 2.82
C HIS B 69 -8.91 25.97 1.32
N LYS B 70 -7.84 26.44 0.70
CA LYS B 70 -7.70 26.34 -0.74
C LYS B 70 -6.58 25.36 -1.06
N VAL B 71 -6.89 24.39 -1.91
CA VAL B 71 -5.89 23.41 -2.31
C VAL B 71 -5.92 23.24 -3.81
N ILE B 72 -5.02 22.42 -4.32
CA ILE B 72 -4.92 22.24 -5.74
C ILE B 72 -4.21 20.91 -6.01
N GLY B 73 -4.81 20.10 -6.87
CA GLY B 73 -4.22 18.83 -7.20
C GLY B 73 -4.97 18.12 -8.29
N THR B 74 -4.68 16.83 -8.41
CA THR B 74 -5.32 15.97 -9.39
C THR B 74 -6.69 15.56 -8.91
N VAL B 75 -7.69 15.64 -9.80
CA VAL B 75 -9.03 15.17 -9.50
C VAL B 75 -9.50 14.16 -10.54
N LEU B 76 -9.95 13.01 -10.09
CA LEU B 76 -10.44 11.99 -11.00
C LEU B 76 -11.97 12.08 -11.10
N VAL B 77 -12.52 11.91 -12.30
CA VAL B 77 -13.97 12.02 -12.46
C VAL B 77 -14.52 10.76 -13.07
N GLY B 78 -15.51 10.15 -12.41
CA GLY B 78 -16.03 8.88 -12.88
C GLY B 78 -17.13 8.28 -12.00
N PRO B 79 -17.43 7.00 -12.23
CA PRO B 79 -18.57 6.34 -11.61
C PRO B 79 -18.34 6.00 -10.16
N THR B 80 -18.26 7.01 -9.30
CA THR B 80 -18.21 6.78 -7.88
C THR B 80 -19.58 7.06 -7.24
N PRO B 81 -20.03 6.18 -6.33
CA PRO B 81 -21.31 6.39 -5.65
C PRO B 81 -21.34 7.69 -4.85
N THR B 82 -20.22 8.11 -4.28
CA THR B 82 -20.16 9.38 -3.55
C THR B 82 -18.86 10.12 -3.83
N ASN B 83 -18.91 11.44 -3.80
CA ASN B 83 -17.72 12.27 -3.95
C ASN B 83 -16.75 11.98 -2.83
N ILE B 84 -15.49 11.68 -3.15
CA ILE B 84 -14.54 11.42 -2.07
C ILE B 84 -13.27 12.24 -2.20
N ILE B 85 -12.80 12.73 -1.06
CA ILE B 85 -11.55 13.46 -0.99
C ILE B 85 -10.47 12.47 -0.56
N GLY B 86 -9.46 12.29 -1.40
CA GLY B 86 -8.41 11.33 -1.14
C GLY B 86 -7.18 11.92 -0.50
N ARG B 87 -6.20 11.07 -0.19
CA ARG B 87 -5.00 11.51 0.50
C ARG B 87 -4.28 12.65 -0.26
N ASN B 88 -4.37 12.68 -1.59
CA ASN B 88 -3.59 13.66 -2.34
C ASN B 88 -3.99 15.09 -1.97
N LEU B 89 -5.25 15.28 -1.57
CA LEU B 89 -5.65 16.62 -1.12
C LEU B 89 -5.55 16.75 0.39
N MET B 90 -5.79 15.66 1.12
CA MET B 90 -5.84 15.74 2.57
C MET B 90 -4.47 16.08 3.17
N THR B 91 -3.41 15.65 2.50
CA THR B 91 -2.06 16.03 2.91
C THR B 91 -1.89 17.55 2.84
N GLN B 92 -2.56 18.17 1.86
CA GLN B 92 -2.47 19.61 1.70
C GLN B 92 -3.22 20.37 2.80
N LEU B 93 -4.25 19.72 3.34
CA LEU B 93 -4.97 20.23 4.51
C LEU B 93 -4.19 20.05 5.80
N GLY B 94 -3.24 19.13 5.78
CA GLY B 94 -2.50 18.77 6.98
C GLY B 94 -3.22 17.74 7.83
N CYS B 95 -4.12 16.96 7.20
CA CYS B 95 -4.84 15.90 7.92
C CYS B 95 -3.91 14.87 8.53
N THR B 96 -4.25 14.45 9.75
CA THR B 96 -3.65 13.24 10.30
C THR B 96 -4.72 12.38 10.94
N LEU B 97 -4.41 11.10 11.11
CA LEU B 97 -5.21 10.21 11.94
C LEU B 97 -4.57 10.12 13.33
N ASN B 98 -5.39 10.11 14.39
CA ASN B 98 -4.87 10.05 15.74
C ASN B 98 -5.66 9.07 16.58
N PHE B 99 -4.99 8.18 17.31
CA PHE B 99 -5.69 7.26 18.18
C PHE B 99 -5.92 7.90 19.55
N PRO C 1 7.58 7.36 -16.46
CA PRO C 1 7.41 8.24 -15.31
C PRO C 1 8.63 8.22 -14.40
N GLN C 2 8.66 9.17 -13.48
CA GLN C 2 9.60 9.14 -12.40
C GLN C 2 8.81 8.98 -11.12
N ILE C 3 9.14 7.92 -10.38
CA ILE C 3 8.38 7.56 -9.20
C ILE C 3 9.26 7.79 -7.97
N THR C 4 8.81 8.69 -7.09
CA THR C 4 9.46 8.94 -5.80
C THR C 4 9.06 7.86 -4.79
N LEU C 5 9.69 7.85 -3.62
CA LEU C 5 9.49 6.69 -2.75
C LEU C 5 8.85 7.03 -1.41
N TRP C 6 8.17 8.17 -1.34
CA TRP C 6 7.46 8.57 -0.14
C TRP C 6 6.31 7.63 0.14
N GLN C 7 5.63 7.17 -0.90
CA GLN C 7 4.65 6.10 -0.81
C GLN C 7 5.22 4.84 -1.44
N ARG C 8 4.51 3.72 -1.25
CA ARG C 8 4.80 2.48 -1.95
C ARG C 8 4.65 2.69 -3.47
N PRO C 9 5.63 2.24 -4.26
CA PRO C 9 5.55 2.37 -5.73
C PRO C 9 4.61 1.34 -6.36
N ILE C 10 3.31 1.58 -6.16
CA ILE C 10 2.28 0.68 -6.64
C ILE C 10 1.85 1.07 -8.05
N VAL C 11 1.81 0.11 -8.96
CA VAL C 11 1.35 0.36 -10.33
C VAL C 11 0.18 -0.54 -10.67
N THR C 12 -0.58 -0.21 -11.72
CA THR C 12 -1.62 -1.09 -12.26
C THR C 12 -1.01 -2.07 -13.27
N ILE C 13 -1.28 -3.37 -13.10
CA ILE C 13 -0.83 -4.35 -14.07
C ILE C 13 -2.04 -5.03 -14.71
N LYS C 14 -1.82 -5.69 -15.83
CA LYS C 14 -2.84 -6.56 -16.41
C LYS C 14 -2.20 -7.91 -16.74
N VAL C 15 -2.75 -8.98 -16.18
CA VAL C 15 -2.18 -10.32 -16.35
C VAL C 15 -3.28 -11.35 -16.26
N GLY C 16 -3.25 -12.35 -17.12
CA GLY C 16 -4.31 -13.35 -17.17
C GLY C 16 -5.65 -12.69 -17.45
N GLY C 17 -5.61 -11.55 -18.12
CA GLY C 17 -6.81 -10.82 -18.49
C GLY C 17 -7.37 -9.93 -17.39
N GLN C 18 -6.83 -10.04 -16.19
CA GLN C 18 -7.38 -9.32 -15.04
C GLN C 18 -6.53 -8.10 -14.71
N LEU C 19 -7.16 -6.98 -14.38
CA LEU C 19 -6.42 -5.82 -13.88
C LEU C 19 -6.16 -5.98 -12.37
N LYS C 20 -4.95 -5.63 -11.92
CA LYS C 20 -4.56 -5.68 -10.49
C LYS C 20 -3.58 -4.58 -10.13
N GLU C 21 -3.46 -4.27 -8.84
CA GLU C 21 -2.39 -3.40 -8.37
C GLU C 21 -1.21 -4.28 -7.97
N ALA C 22 0.01 -3.77 -8.14
CA ALA C 22 1.21 -4.54 -7.81
C ALA C 22 2.31 -3.59 -7.40
N LEU C 23 3.20 -4.07 -6.55
CA LEU C 23 4.27 -3.25 -6.02
C LEU C 23 5.57 -3.37 -6.87
N LEU C 24 6.17 -2.25 -7.28
CA LEU C 24 7.47 -2.34 -7.97
C LEU C 24 8.58 -2.55 -6.93
N ASP C 25 9.28 -3.67 -7.06
CA ASP C 25 10.13 -4.12 -5.96
C ASP C 25 11.56 -4.49 -6.39
N THR C 26 12.48 -3.55 -6.24
CA THR C 26 13.84 -3.78 -6.69
C THR C 26 14.56 -4.85 -5.84
N GLY C 27 14.00 -5.19 -4.68
CA GLY C 27 14.56 -6.24 -3.84
C GLY C 27 14.10 -7.67 -4.15
N ALA C 28 13.17 -7.79 -5.08
CA ALA C 28 12.65 -9.09 -5.46
C ALA C 28 13.30 -9.54 -6.78
N ASP C 29 13.92 -10.71 -6.78
CA ASP C 29 14.55 -11.25 -7.99
C ASP C 29 13.51 -11.53 -9.06
N ASP C 30 12.42 -12.15 -8.63
CA ASP C 30 11.36 -12.60 -9.53
C ASP C 30 10.02 -11.99 -9.17
N THR C 31 9.13 -11.96 -10.15
CA THR C 31 7.76 -11.53 -9.96
C THR C 31 6.93 -12.60 -9.23
N VAL C 32 6.26 -12.20 -8.15
CA VAL C 32 5.40 -13.10 -7.37
C VAL C 32 4.01 -12.51 -7.25
N LEU C 33 2.99 -13.25 -7.68
CA LEU C 33 1.60 -12.76 -7.64
C LEU C 33 0.75 -13.60 -6.70
N GLU C 34 -0.26 -12.98 -6.09
CA GLU C 34 -1.22 -13.71 -5.25
C GLU C 34 -1.89 -14.76 -6.09
N ASP C 35 -2.52 -15.73 -5.43
CA ASP C 35 -3.13 -16.85 -6.12
C ASP C 35 -4.07 -16.39 -7.23
N MET C 36 -3.89 -16.97 -8.41
CA MET C 36 -4.76 -16.72 -9.55
C MET C 36 -4.64 -17.87 -10.54
N GLU C 37 -5.37 -17.79 -11.64
CA GLU C 37 -5.27 -18.80 -12.67
C GLU C 37 -4.44 -18.29 -13.83
N LEU C 38 -3.50 -19.10 -14.29
CA LEU C 38 -2.66 -18.76 -15.41
C LEU C 38 -2.61 -19.95 -16.36
N PRO C 39 -2.45 -19.69 -17.67
CA PRO C 39 -2.43 -20.79 -18.64
C PRO C 39 -1.05 -21.44 -18.69
N GLY C 40 -1.00 -22.69 -19.12
CA GLY C 40 0.30 -23.32 -19.30
C GLY C 40 0.70 -24.16 -18.10
N ARG C 41 1.80 -24.90 -18.25
CA ARG C 41 2.21 -25.81 -17.19
C ARG C 41 3.00 -25.03 -16.15
N TRP C 42 3.15 -25.64 -14.98
CA TRP C 42 3.91 -25.01 -13.93
C TRP C 42 4.73 -26.03 -13.17
N LYS C 43 5.72 -25.54 -12.43
CA LYS C 43 6.55 -26.40 -11.61
C LYS C 43 6.66 -25.78 -10.23
N PRO C 44 6.69 -26.62 -9.18
CA PRO C 44 6.82 -26.08 -7.82
C PRO C 44 8.16 -25.38 -7.66
N ARG C 45 8.21 -24.34 -6.83
CA ARG C 45 9.49 -23.69 -6.55
C ARG C 45 9.54 -23.12 -5.15
N MET C 46 10.69 -23.27 -4.50
CA MET C 46 10.95 -22.67 -3.22
C MET C 46 11.44 -21.25 -3.39
N ILE C 47 10.88 -20.33 -2.61
CA ILE C 47 11.46 -19.01 -2.48
C ILE C 47 11.43 -18.64 -1.01
N GLY C 48 12.29 -17.69 -0.65
CA GLY C 48 12.48 -17.33 0.73
C GLY C 48 12.60 -15.83 0.90
N GLY C 49 12.10 -15.34 2.02
CA GLY C 49 12.16 -13.94 2.34
C GLY C 49 12.07 -13.78 3.83
N ILE C 50 11.55 -12.66 4.29
CA ILE C 50 11.63 -12.32 5.69
C ILE C 50 11.00 -13.36 6.62
N GLY C 51 9.76 -13.75 6.36
CA GLY C 51 9.13 -14.69 7.27
C GLY C 51 9.37 -16.16 6.91
N GLY C 52 10.49 -16.42 6.26
CA GLY C 52 10.83 -17.79 5.92
C GLY C 52 10.59 -18.14 4.46
N PHE C 53 10.54 -19.44 4.19
CA PHE C 53 10.36 -19.97 2.85
C PHE C 53 8.89 -20.20 2.52
N VAL C 54 8.56 -20.14 1.24
CA VAL C 54 7.22 -20.50 0.77
C VAL C 54 7.35 -21.18 -0.58
N LYS C 55 6.41 -22.07 -0.86
CA LYS C 55 6.43 -22.81 -2.11
C LYS C 55 5.42 -22.22 -3.05
N VAL C 56 5.86 -21.90 -4.25
CA VAL C 56 5.01 -21.24 -5.22
C VAL C 56 4.94 -22.05 -6.49
N ARG C 57 3.99 -21.70 -7.35
CA ARG C 57 3.91 -22.27 -8.68
C ARG C 57 4.63 -21.36 -9.66
N GLN C 58 5.53 -21.93 -10.45
CA GLN C 58 6.27 -21.14 -11.42
C GLN C 58 5.70 -21.30 -12.82
N TYR C 59 5.31 -20.19 -13.43
CA TYR C 59 4.86 -20.18 -14.81
C TYR C 59 5.90 -19.50 -15.68
N ASP C 60 6.27 -20.12 -16.79
CA ASP C 60 7.26 -19.51 -17.68
C ASP C 60 6.59 -18.76 -18.82
N GLN C 61 7.29 -17.75 -19.33
CA GLN C 61 6.86 -16.99 -20.49
C GLN C 61 5.40 -16.52 -20.43
N ILE C 62 5.07 -15.79 -19.37
CA ILE C 62 3.77 -15.16 -19.19
C ILE C 62 3.84 -13.70 -19.64
N PRO C 63 2.86 -13.24 -20.46
CA PRO C 63 2.84 -11.81 -20.76
C PRO C 63 2.14 -11.02 -19.65
N ILE C 64 2.73 -9.90 -19.25
CA ILE C 64 2.10 -8.99 -18.30
C ILE C 64 2.17 -7.58 -18.86
N GLU C 65 1.05 -6.86 -18.81
CA GLU C 65 1.02 -5.45 -19.17
C GLU C 65 1.27 -4.62 -17.89
N ILE C 66 2.25 -3.72 -17.90
CA ILE C 66 2.54 -2.93 -16.71
C ILE C 66 2.54 -1.46 -17.11
N CYS C 67 1.60 -0.70 -16.55
CA CYS C 67 1.43 0.71 -16.91
C CYS C 67 1.30 0.85 -18.43
N GLY C 68 0.60 -0.10 -19.04
CA GLY C 68 0.38 -0.05 -20.46
C GLY C 68 1.47 -0.67 -21.32
N HIS C 69 2.63 -1.00 -20.73
CA HIS C 69 3.71 -1.64 -21.48
C HIS C 69 3.66 -3.14 -21.38
N LYS C 70 3.77 -3.83 -22.51
CA LYS C 70 3.68 -5.30 -22.48
C LYS C 70 5.04 -5.92 -22.31
N VAL C 71 5.18 -6.78 -21.30
CA VAL C 71 6.46 -7.45 -21.09
C VAL C 71 6.21 -8.92 -20.84
N ILE C 72 7.29 -9.71 -20.80
CA ILE C 72 7.17 -11.15 -20.77
C ILE C 72 8.16 -11.71 -19.79
N GLY C 73 7.74 -12.70 -19.00
CA GLY C 73 8.68 -13.29 -18.09
C GLY C 73 8.16 -14.46 -17.31
N THR C 74 9.05 -15.03 -16.50
CA THR C 74 8.65 -15.98 -15.49
C THR C 74 7.79 -15.28 -14.44
N VAL C 75 6.62 -15.85 -14.15
CA VAL C 75 5.78 -15.34 -13.09
C VAL C 75 5.59 -16.44 -12.04
N LEU C 76 5.84 -16.13 -10.78
CA LEU C 76 5.56 -17.07 -9.70
C LEU C 76 4.23 -16.72 -9.04
N VAL C 77 3.51 -17.73 -8.58
CA VAL C 77 2.18 -17.52 -8.02
C VAL C 77 2.01 -18.32 -6.75
N GLY C 78 1.63 -17.67 -5.66
CA GLY C 78 1.49 -18.36 -4.40
C GLY C 78 0.95 -17.47 -3.29
N PRO C 79 1.09 -17.92 -2.03
CA PRO C 79 0.54 -17.24 -0.85
C PRO C 79 1.27 -15.97 -0.42
N THR C 80 1.59 -15.10 -1.38
CA THR C 80 2.17 -13.81 -1.05
C THR C 80 1.07 -12.84 -0.63
N PRO C 81 1.31 -12.01 0.40
CA PRO C 81 0.27 -11.10 0.86
C PRO C 81 0.01 -9.97 -0.10
N THR C 82 0.79 -9.90 -1.17
CA THR C 82 0.66 -8.82 -2.12
C THR C 82 1.37 -9.15 -3.46
N ASN C 83 0.85 -8.56 -4.52
CA ASN C 83 1.42 -8.73 -5.84
C ASN C 83 2.75 -8.01 -5.96
N ILE C 84 3.79 -8.73 -6.37
CA ILE C 84 5.13 -8.15 -6.45
C ILE C 84 5.69 -8.21 -7.87
N ILE C 85 6.01 -7.05 -8.44
CA ILE C 85 6.74 -7.00 -9.69
C ILE C 85 8.24 -6.99 -9.41
N GLY C 86 8.94 -8.05 -9.80
CA GLY C 86 10.35 -8.20 -9.47
C GLY C 86 11.28 -7.71 -10.56
N ARG C 87 12.57 -7.86 -10.35
CA ARG C 87 13.54 -7.36 -11.32
C ARG C 87 13.40 -8.00 -12.70
N ASN C 88 13.01 -9.27 -12.78
CA ASN C 88 13.01 -9.95 -14.08
C ASN C 88 12.09 -9.24 -15.08
N LEU C 89 11.07 -8.57 -14.57
CA LEU C 89 10.17 -7.80 -15.41
C LEU C 89 10.46 -6.30 -15.43
N MET C 90 10.96 -5.77 -14.32
CA MET C 90 11.31 -4.34 -14.28
C MET C 90 12.41 -3.99 -15.31
N THR C 91 13.35 -4.89 -15.56
CA THR C 91 14.36 -4.66 -16.61
C THR C 91 13.73 -4.49 -17.98
N GLN C 92 12.59 -5.14 -18.18
CA GLN C 92 11.93 -5.14 -19.47
C GLN C 92 11.14 -3.86 -19.69
N LEU C 93 11.02 -3.06 -18.64
CA LEU C 93 10.44 -1.71 -18.74
C LEU C 93 11.51 -0.65 -18.92
N GLY C 94 12.78 -1.02 -18.74
CA GLY C 94 13.85 -0.04 -18.80
C GLY C 94 13.90 0.71 -17.47
N CYS C 95 13.51 0.04 -16.41
CA CYS C 95 13.37 0.70 -15.12
C CYS C 95 14.72 0.81 -14.43
N THR C 96 15.10 2.01 -14.00
CA THR C 96 16.33 2.15 -13.21
C THR C 96 16.06 2.88 -11.90
N LEU C 97 16.94 2.61 -10.93
CA LEU C 97 17.02 3.37 -9.69
C LEU C 97 17.97 4.53 -9.90
N ASN C 98 17.55 5.72 -9.46
CA ASN C 98 18.33 6.92 -9.68
C ASN C 98 18.45 7.82 -8.45
N PHE C 99 19.66 8.16 -8.07
CA PHE C 99 19.90 9.15 -7.01
C PHE C 99 21.19 9.89 -7.26
N PRO D 1 24.04 8.18 -8.88
CA PRO D 1 24.09 7.01 -9.76
C PRO D 1 22.78 6.74 -10.49
N GLN D 2 22.89 5.98 -11.58
CA GLN D 2 21.71 5.40 -12.22
C GLN D 2 21.97 3.90 -12.25
N ILE D 3 21.10 3.16 -11.58
CA ILE D 3 21.36 1.75 -11.37
C ILE D 3 20.35 0.87 -12.11
N THR D 4 20.81 0.15 -13.12
CA THR D 4 19.95 -0.81 -13.80
C THR D 4 19.73 -2.02 -12.89
N LEU D 5 18.83 -2.92 -13.28
CA LEU D 5 18.40 -3.98 -12.40
C LEU D 5 18.61 -5.39 -12.97
N TRP D 6 19.57 -5.55 -13.88
CA TRP D 6 19.91 -6.87 -14.41
C TRP D 6 20.60 -7.71 -13.33
N GLN D 7 21.28 -7.03 -12.41
CA GLN D 7 21.86 -7.66 -11.22
C GLN D 7 21.19 -7.11 -9.96
N ARG D 8 21.31 -7.78 -8.82
CA ARG D 8 20.75 -7.22 -7.58
C ARG D 8 21.44 -5.88 -7.31
N PRO D 9 20.66 -4.84 -6.97
CA PRO D 9 21.23 -3.52 -6.65
C PRO D 9 21.86 -3.44 -5.25
N ILE D 10 23.08 -3.94 -5.14
CA ILE D 10 23.76 -4.07 -3.85
C ILE D 10 24.71 -2.89 -3.62
N VAL D 11 24.70 -2.35 -2.40
CA VAL D 11 25.54 -1.21 -2.04
C VAL D 11 26.32 -1.49 -0.77
N THR D 12 27.39 -0.75 -0.57
CA THR D 12 28.12 -0.84 0.68
C THR D 12 27.56 0.19 1.66
N ILE D 13 27.21 -0.25 2.87
CA ILE D 13 26.72 0.68 3.87
C ILE D 13 27.66 0.69 5.08
N LYS D 14 27.64 1.78 5.83
CA LYS D 14 28.36 1.83 7.10
C LYS D 14 27.38 2.08 8.23
N VAL D 15 27.28 1.13 9.14
CA VAL D 15 26.34 1.27 10.24
C VAL D 15 26.89 0.67 11.52
N GLY D 16 26.73 1.40 12.62
CA GLY D 16 27.19 0.95 13.91
C GLY D 16 28.69 0.71 13.95
N GLY D 17 29.44 1.50 13.20
CA GLY D 17 30.89 1.33 13.14
C GLY D 17 31.36 0.37 12.07
N GLN D 18 30.47 -0.48 11.56
CA GLN D 18 30.88 -1.55 10.66
C GLN D 18 30.45 -1.31 9.20
N LEU D 19 31.25 -1.81 8.26
CA LEU D 19 30.93 -1.70 6.84
C LEU D 19 30.22 -2.97 6.40
N LYS D 20 29.09 -2.83 5.73
CA LYS D 20 28.30 -3.98 5.34
C LYS D 20 27.79 -3.82 3.92
N GLU D 21 27.29 -4.91 3.35
CA GLU D 21 26.59 -4.84 2.09
C GLU D 21 25.11 -4.97 2.33
N ALA D 22 24.33 -4.20 1.57
CA ALA D 22 22.88 -4.22 1.68
C ALA D 22 22.22 -4.03 0.34
N LEU D 23 20.96 -4.44 0.25
CA LEU D 23 20.20 -4.41 -0.99
C LEU D 23 19.24 -3.22 -1.04
N LEU D 24 19.33 -2.38 -2.09
CA LEU D 24 18.36 -1.28 -2.23
C LEU D 24 17.02 -1.88 -2.59
N ASP D 25 16.01 -1.62 -1.77
CA ASP D 25 14.80 -2.44 -1.84
C ASP D 25 13.52 -1.61 -1.77
N THR D 26 13.01 -1.22 -2.94
CA THR D 26 11.83 -0.36 -3.02
C THR D 26 10.57 -1.05 -2.54
N GLY D 27 10.63 -2.38 -2.41
CA GLY D 27 9.53 -3.12 -1.84
C GLY D 27 9.58 -3.19 -0.31
N ALA D 28 10.55 -2.51 0.28
CA ALA D 28 10.62 -2.52 1.74
C ALA D 28 10.30 -1.12 2.30
N ASP D 29 9.27 -1.06 3.14
CA ASP D 29 8.86 0.20 3.77
C ASP D 29 9.99 0.73 4.63
N ASP D 30 10.62 -0.19 5.36
CA ASP D 30 11.64 0.13 6.34
C ASP D 30 12.93 -0.61 6.09
N THR D 31 14.03 -0.03 6.55
CA THR D 31 15.30 -0.70 6.48
C THR D 31 15.30 -1.87 7.46
N VAL D 32 15.82 -3.01 7.04
CA VAL D 32 15.95 -4.19 7.92
C VAL D 32 17.34 -4.82 7.82
N LEU D 33 18.07 -4.84 8.93
CA LEU D 33 19.39 -5.42 8.96
C LEU D 33 19.39 -6.75 9.73
N GLU D 34 20.29 -7.66 9.36
CA GLU D 34 20.49 -8.89 10.15
C GLU D 34 21.01 -8.52 11.55
N ASP D 35 20.89 -9.44 12.51
CA ASP D 35 21.15 -9.10 13.91
C ASP D 35 22.52 -8.42 14.13
N MET D 36 22.48 -7.33 14.89
CA MET D 36 23.53 -6.33 14.96
C MET D 36 23.35 -5.54 16.23
N GLU D 37 24.41 -4.90 16.73
CA GLU D 37 24.23 -3.94 17.80
C GLU D 37 24.25 -2.55 17.16
N LEU D 38 23.38 -1.67 17.63
CA LEU D 38 23.25 -0.33 17.06
C LEU D 38 23.27 0.72 18.17
N PRO D 39 23.72 1.95 17.86
CA PRO D 39 23.83 3.01 18.86
C PRO D 39 22.50 3.68 19.19
N GLY D 40 21.59 2.93 19.77
CA GLY D 40 20.31 3.50 20.14
C GLY D 40 19.51 2.51 20.96
N ARG D 41 18.35 2.96 21.43
CA ARG D 41 17.43 2.08 22.12
C ARG D 41 16.39 1.54 21.14
N TRP D 42 15.80 0.39 21.44
CA TRP D 42 14.81 -0.21 20.56
C TRP D 42 13.51 -0.55 21.29
N LYS D 43 12.43 -0.68 20.51
CA LYS D 43 11.15 -1.18 20.97
C LYS D 43 10.79 -2.35 20.10
N PRO D 44 9.90 -3.22 20.58
CA PRO D 44 9.62 -4.41 19.79
C PRO D 44 8.61 -4.13 18.69
N ARG D 45 8.66 -4.92 17.62
CA ARG D 45 7.75 -4.73 16.50
C ARG D 45 7.58 -6.02 15.69
N MET D 46 6.39 -6.25 15.16
CA MET D 46 6.16 -7.35 14.22
C MET D 46 6.15 -6.79 12.80
N ILE D 47 6.85 -7.42 11.87
CA ILE D 47 6.68 -7.01 10.47
C ILE D 47 6.38 -8.22 9.61
N GLY D 48 5.65 -8.01 8.51
CA GLY D 48 5.18 -9.09 7.68
C GLY D 48 5.95 -9.20 6.37
N GLY D 49 6.49 -10.39 6.11
CA GLY D 49 7.29 -10.63 4.92
C GLY D 49 6.59 -11.57 3.98
N ILE D 50 7.31 -12.10 2.99
CA ILE D 50 6.71 -13.02 2.03
C ILE D 50 6.20 -14.29 2.69
N GLY D 51 6.87 -14.73 3.74
CA GLY D 51 6.51 -15.99 4.38
C GLY D 51 5.80 -15.84 5.70
N GLY D 52 5.41 -14.61 6.03
CA GLY D 52 4.70 -14.39 7.26
C GLY D 52 5.34 -13.35 8.14
N PHE D 53 4.88 -13.28 9.38
CA PHE D 53 5.25 -12.20 10.29
C PHE D 53 6.37 -12.59 11.25
N VAL D 54 7.15 -11.60 11.63
CA VAL D 54 8.39 -11.83 12.33
C VAL D 54 8.60 -10.70 13.33
N LYS D 55 9.09 -11.05 14.52
CA LYS D 55 9.40 -10.07 15.54
C LYS D 55 10.75 -9.42 15.23
N VAL D 56 10.81 -8.09 15.24
CA VAL D 56 12.06 -7.37 15.03
C VAL D 56 12.31 -6.37 16.16
N ARG D 57 13.54 -5.87 16.25
CA ARG D 57 13.85 -4.74 17.14
C ARG D 57 13.73 -3.44 16.37
N GLN D 58 12.97 -2.47 16.85
CA GLN D 58 12.88 -1.21 16.12
C GLN D 58 13.70 -0.14 16.80
N TYR D 59 14.74 0.29 16.11
CA TYR D 59 15.59 1.41 16.51
C TYR D 59 15.21 2.65 15.72
N ASP D 60 14.98 3.75 16.41
CA ASP D 60 14.66 5.00 15.73
C ASP D 60 15.91 5.84 15.58
N GLN D 61 15.93 6.68 14.54
CA GLN D 61 16.97 7.68 14.33
C GLN D 61 18.40 7.15 14.47
N ILE D 62 18.73 6.14 13.66
CA ILE D 62 20.06 5.58 13.59
C ILE D 62 20.81 6.19 12.40
N PRO D 63 22.03 6.70 12.61
CA PRO D 63 22.80 7.18 11.46
C PRO D 63 23.34 6.02 10.63
N ILE D 64 23.15 6.09 9.32
CA ILE D 64 23.73 5.13 8.39
C ILE D 64 24.32 5.88 7.20
N GLU D 65 25.51 5.48 6.77
CA GLU D 65 26.11 6.01 5.55
C GLU D 65 25.82 5.03 4.41
N ILE D 66 25.28 5.55 3.30
CA ILE D 66 24.91 4.73 2.15
C ILE D 66 25.57 5.29 0.87
N CYS D 67 26.45 4.50 0.27
CA CYS D 67 27.25 4.95 -0.88
C CYS D 67 27.90 6.28 -0.59
N GLY D 68 28.43 6.43 0.61
CA GLY D 68 29.05 7.69 1.00
C GLY D 68 28.08 8.80 1.37
N HIS D 69 26.78 8.55 1.27
CA HIS D 69 25.80 9.54 1.71
C HIS D 69 25.27 9.20 3.09
N LYS D 70 25.41 10.14 4.02
CA LYS D 70 24.94 9.92 5.38
C LYS D 70 23.46 10.28 5.53
N VAL D 71 22.70 9.33 6.07
CA VAL D 71 21.27 9.45 6.29
C VAL D 71 20.94 8.99 7.73
N ILE D 72 19.73 9.27 8.22
CA ILE D 72 19.28 8.78 9.54
C ILE D 72 17.86 8.36 9.51
N GLY D 73 17.51 7.32 10.24
CA GLY D 73 16.09 7.08 10.45
C GLY D 73 15.90 5.76 11.14
N THR D 74 14.73 5.19 10.95
CA THR D 74 14.36 3.94 11.59
C THR D 74 15.10 2.77 10.95
N VAL D 75 15.66 1.92 11.80
CA VAL D 75 16.30 0.70 11.35
C VAL D 75 15.70 -0.46 12.12
N LEU D 76 15.21 -1.47 11.41
CA LEU D 76 14.68 -2.65 12.07
C LEU D 76 15.76 -3.72 12.06
N VAL D 77 15.88 -4.46 13.16
CA VAL D 77 16.87 -5.53 13.25
C VAL D 77 16.19 -6.85 13.57
N GLY D 78 16.41 -7.87 12.76
CA GLY D 78 15.80 -9.16 12.99
C GLY D 78 16.19 -10.19 11.94
N PRO D 79 15.39 -11.26 11.81
CA PRO D 79 15.69 -12.40 10.93
C PRO D 79 15.34 -12.14 9.47
N THR D 80 16.22 -11.41 8.80
CA THR D 80 16.13 -11.21 7.36
C THR D 80 17.27 -11.98 6.69
N PRO D 81 17.02 -12.58 5.52
CA PRO D 81 18.09 -13.33 4.85
C PRO D 81 19.19 -12.44 4.28
N THR D 82 18.93 -11.15 4.22
CA THR D 82 19.85 -10.19 3.62
C THR D 82 19.55 -8.79 4.13
N ASN D 83 20.59 -7.97 4.23
CA ASN D 83 20.40 -6.60 4.67
C ASN D 83 19.65 -5.85 3.60
N ILE D 84 18.59 -5.11 3.96
CA ILE D 84 17.85 -4.36 2.95
C ILE D 84 17.66 -2.90 3.34
N ILE D 85 17.82 -2.02 2.36
CA ILE D 85 17.61 -0.61 2.56
C ILE D 85 16.24 -0.26 2.03
N GLY D 86 15.36 0.23 2.91
CA GLY D 86 13.97 0.44 2.57
C GLY D 86 13.71 1.87 2.17
N ARG D 87 12.43 2.18 1.91
CA ARG D 87 12.05 3.49 1.41
C ARG D 87 12.38 4.60 2.41
N ASN D 88 12.33 4.29 3.71
CA ASN D 88 12.50 5.35 4.68
C ASN D 88 13.87 6.02 4.55
N LEU D 89 14.88 5.26 4.13
CA LEU D 89 16.20 5.83 3.92
C LEU D 89 16.44 6.19 2.45
N MET D 90 15.80 5.49 1.52
CA MET D 90 16.03 5.78 0.12
C MET D 90 15.51 7.17 -0.24
N THR D 91 14.44 7.61 0.42
CA THR D 91 13.92 8.95 0.19
C THR D 91 14.89 10.02 0.65
N GLN D 92 15.72 9.68 1.65
CA GLN D 92 16.74 10.63 2.14
C GLN D 92 17.90 10.75 1.17
N LEU D 93 18.14 9.70 0.39
CA LEU D 93 19.10 9.74 -0.70
C LEU D 93 18.55 10.49 -1.90
N GLY D 94 17.23 10.57 -1.98
CA GLY D 94 16.60 11.15 -3.15
C GLY D 94 16.43 10.13 -4.27
N CYS D 95 16.31 8.86 -3.92
CA CYS D 95 16.10 7.78 -4.90
C CYS D 95 14.75 7.84 -5.57
N THR D 96 14.74 7.63 -6.87
CA THR D 96 13.51 7.46 -7.61
C THR D 96 13.62 6.24 -8.49
N LEU D 97 12.46 5.73 -8.90
CA LEU D 97 12.36 4.75 -9.94
C LEU D 97 12.05 5.51 -11.22
N ASN D 98 12.64 5.08 -12.33
CA ASN D 98 12.45 5.75 -13.60
C ASN D 98 12.33 4.78 -14.74
N PHE D 99 11.27 4.93 -15.53
CA PHE D 99 11.21 4.24 -16.82
C PHE D 99 10.40 5.07 -17.81
#